data_5BMM
#
_entry.id   5BMM
#
_cell.length_a   60.830
_cell.length_b   118.610
_cell.length_c   42.650
_cell.angle_alpha   90.00
_cell.angle_beta   90.08
_cell.angle_gamma   90.00
#
_symmetry.space_group_name_H-M   'P 1 21 1'
#
loop_
_entity.id
_entity.type
_entity.pdbx_description
1 polymer 'Proto-oncogene tyrosine-protein kinase Src'
2 polymer 'macrocyclic inhibitor MC25b'
3 water water
#
loop_
_entity_poly.entity_id
_entity_poly.type
_entity_poly.pdbx_seq_one_letter_code
_entity_poly.pdbx_strand_id
1 'polypeptide(L)'
;GHMQTQGLAKDAWEIPRESLRLEVKLGQGCFGEVWMGTWNGTTRVAIKTLKPGTMSPEAFLQEAQVMKKLRHEKLVQLYA
VVSEEPIYIVTEYMSKGSLLDFLKGEMGKYLRLPQLVDMAAQIASGMAYVERMNYVHRDLRAANILVGENLVCKVADFGL
ARLIEDNEYTARQGAKFPIKWTAPEAALYGRFTIKSDVWSFGILLTELTTKGRVPYPGMVNREVLDQVERGYRMPCPPEC
PESLHDLMCQCWRKDPEERPTFEYLQAFLEDYFTSTEPQYQPGENL
;
A,B
2 'polypeptide(L)' (FUM)(ALC)(PFF)(PPN)(ORN) C,D
#
# COMPACT_ATOMS: atom_id res chain seq x y z
N ALA A 12 -11.63 36.66 5.97
CA ALA A 12 -12.39 36.38 7.19
C ALA A 12 -11.51 35.73 8.25
N TRP A 13 -10.63 34.83 7.82
CA TRP A 13 -9.62 34.25 8.70
C TRP A 13 -8.40 35.15 8.75
N GLU A 14 -8.56 36.35 8.17
CA GLU A 14 -7.52 37.37 8.18
C GLU A 14 -7.26 37.83 9.61
N ILE A 15 -6.02 38.21 9.89
CA ILE A 15 -5.66 38.70 11.22
C ILE A 15 -4.81 39.96 11.12
N PRO A 16 -4.69 40.71 12.23
CA PRO A 16 -3.83 41.90 12.22
C PRO A 16 -2.34 41.58 12.31
N ARG A 17 -1.54 42.37 11.60
CA ARG A 17 -0.09 42.20 11.58
C ARG A 17 0.55 42.41 12.95
N GLU A 18 0.04 43.36 13.71
CA GLU A 18 0.59 43.69 15.03
C GLU A 18 0.46 42.51 16.00
N SER A 19 -0.47 41.61 15.70
CA SER A 19 -0.66 40.39 16.48
C SER A 19 0.56 39.48 16.38
N LEU A 20 1.30 39.58 15.28
CA LEU A 20 2.41 38.68 15.04
C LEU A 20 3.75 39.30 15.43
N ARG A 21 4.52 38.54 16.22
CA ARG A 21 5.88 38.94 16.54
C ARG A 21 6.84 37.92 15.95
N LEU A 22 7.79 38.39 15.16
CA LEU A 22 8.75 37.51 14.52
C LEU A 22 10.01 37.48 15.38
N GLU A 23 10.29 36.32 15.97
CA GLU A 23 11.34 36.22 16.96
C GLU A 23 12.69 35.76 16.40
N VAL A 24 12.69 34.66 15.65
CA VAL A 24 13.94 34.16 15.09
C VAL A 24 13.71 33.62 13.68
N LYS A 25 14.63 33.95 12.77
CA LYS A 25 14.51 33.56 11.37
C LYS A 25 15.05 32.16 11.13
N LEU A 26 14.14 31.24 10.81
CA LEU A 26 14.49 29.86 10.50
C LEU A 26 15.13 29.69 9.12
N GLY A 27 14.62 30.39 8.12
CA GLY A 27 15.12 30.23 6.77
C GLY A 27 14.73 31.34 5.82
N GLN A 28 15.51 31.46 4.75
CA GLN A 28 15.24 32.44 3.70
C GLN A 28 15.23 31.73 2.35
N GLY A 29 14.30 32.11 1.48
CA GLY A 29 14.10 31.41 0.23
C GLY A 29 14.00 32.31 -0.99
N CYS A 30 13.78 31.71 -2.14
CA CYS A 30 13.65 32.44 -3.40
C CYS A 30 12.48 33.41 -3.43
N PHE A 31 11.35 32.99 -2.87
CA PHE A 31 10.16 33.84 -2.88
C PHE A 31 9.80 34.37 -1.49
N GLY A 32 10.56 33.99 -0.49
CA GLY A 32 10.18 34.34 0.87
C GLY A 32 11.13 33.90 1.97
N GLU A 33 10.73 34.16 3.21
CA GLU A 33 11.48 33.70 4.37
C GLU A 33 10.51 33.14 5.42
N VAL A 34 11.04 32.33 6.33
CA VAL A 34 10.20 31.74 7.37
C VAL A 34 10.72 32.08 8.77
N TRP A 35 9.80 32.36 9.69
CA TRP A 35 10.14 32.80 11.04
C TRP A 35 9.41 32.01 12.12
N MET A 36 10.12 31.69 13.20
CA MET A 36 9.45 31.27 14.43
C MET A 36 8.94 32.52 15.14
N GLY A 37 7.76 32.43 15.74
CA GLY A 37 7.11 33.60 16.29
C GLY A 37 5.98 33.32 17.26
N THR A 38 5.39 34.39 17.78
CA THR A 38 4.23 34.28 18.66
C THR A 38 3.02 35.00 18.05
N TRP A 39 1.87 34.34 18.08
CA TRP A 39 0.66 34.84 17.42
C TRP A 39 -0.15 35.84 18.25
N ASN A 40 -0.06 35.74 19.57
CA ASN A 40 -0.69 36.71 20.47
C ASN A 40 0.04 36.75 21.79
N GLY A 41 1.30 36.33 21.77
CA GLY A 41 2.11 36.26 22.98
C GLY A 41 1.86 34.92 23.66
N THR A 42 0.82 34.22 23.21
CA THR A 42 0.46 32.94 23.78
C THR A 42 0.78 31.77 22.85
N THR A 43 0.55 31.94 21.55
CA THR A 43 0.66 30.83 20.62
C THR A 43 1.93 30.88 19.78
N ARG A 44 2.77 29.86 19.91
CA ARG A 44 3.94 29.73 19.06
C ARG A 44 3.51 29.33 17.66
N VAL A 45 4.02 30.03 16.65
CA VAL A 45 3.60 29.82 15.27
C VAL A 45 4.78 29.93 14.32
N ALA A 46 4.58 29.44 13.11
CA ALA A 46 5.56 29.63 12.06
C ALA A 46 5.01 30.67 11.10
N ILE A 47 5.81 31.69 10.83
CA ILE A 47 5.37 32.77 9.94
C ILE A 47 6.19 32.77 8.67
N LYS A 48 5.51 32.56 7.55
CA LYS A 48 6.17 32.57 6.25
C LYS A 48 5.76 33.85 5.53
N THR A 49 6.75 34.59 5.05
CA THR A 49 6.49 35.89 4.45
C THR A 49 6.94 35.87 3.00
N LEU A 50 6.10 36.39 2.11
CA LEU A 50 6.41 36.43 0.69
C LEU A 50 6.78 37.84 0.24
N LYS A 51 7.80 37.93 -0.60
CA LYS A 51 8.22 39.20 -1.17
C LYS A 51 7.11 39.74 -2.06
N PRO A 52 6.93 41.07 -2.07
CA PRO A 52 5.86 41.65 -2.90
C PRO A 52 6.05 41.36 -4.39
N GLY A 53 4.95 41.09 -5.08
CA GLY A 53 4.99 40.72 -6.48
C GLY A 53 5.19 39.23 -6.72
N THR A 54 5.18 38.45 -5.65
CA THR A 54 5.25 37.00 -5.77
C THR A 54 3.96 36.43 -6.32
N MET A 55 2.85 36.87 -5.74
CA MET A 55 1.53 36.37 -6.13
C MET A 55 0.44 37.35 -5.77
N SER A 56 -0.64 37.33 -6.54
CA SER A 56 -1.75 38.24 -6.32
C SER A 56 -2.52 37.86 -5.05
N PRO A 57 -2.81 38.86 -4.20
CA PRO A 57 -3.49 38.66 -2.91
C PRO A 57 -4.92 38.10 -3.02
N GLU A 58 -5.65 38.48 -4.06
CA GLU A 58 -6.96 37.90 -4.30
C GLU A 58 -6.83 36.42 -4.65
N ALA A 59 -5.83 36.11 -5.47
CA ALA A 59 -5.57 34.74 -5.88
C ALA A 59 -5.15 33.90 -4.68
N PHE A 60 -4.34 34.50 -3.80
CA PHE A 60 -3.90 33.81 -2.61
C PHE A 60 -5.09 33.51 -1.70
N LEU A 61 -5.96 34.49 -1.52
CA LEU A 61 -7.12 34.33 -0.66
C LEU A 61 -8.08 33.29 -1.22
N GLN A 62 -8.23 33.28 -2.55
CA GLN A 62 -9.07 32.29 -3.21
C GLN A 62 -8.52 30.88 -2.99
N GLU A 63 -7.20 30.76 -3.12
CA GLU A 63 -6.50 29.51 -2.86
C GLU A 63 -6.48 29.15 -1.39
N ALA A 64 -6.38 30.17 -0.53
CA ALA A 64 -6.33 29.95 0.91
C ALA A 64 -7.61 29.31 1.42
N GLN A 65 -8.70 29.53 0.70
CA GLN A 65 -9.98 28.90 1.00
C GLN A 65 -9.86 27.40 0.84
N VAL A 66 -9.22 26.98 -0.24
CA VAL A 66 -8.94 25.57 -0.47
C VAL A 66 -7.99 25.03 0.59
N MET A 67 -6.98 25.82 0.95
CA MET A 67 -5.99 25.40 1.95
C MET A 67 -6.65 25.19 3.31
N LYS A 68 -7.67 25.99 3.59
CA LYS A 68 -8.44 25.83 4.82
C LYS A 68 -9.16 24.49 4.80
N LYS A 69 -9.65 24.11 3.62
CA LYS A 69 -10.39 22.86 3.45
C LYS A 69 -9.51 21.64 3.76
N LEU A 70 -8.22 21.74 3.46
CA LEU A 70 -7.31 20.62 3.61
C LEU A 70 -6.87 20.48 5.06
N ARG A 71 -7.34 19.44 5.72
CA ARG A 71 -6.94 19.15 7.09
C ARG A 71 -6.50 17.70 7.27
N HIS A 72 -5.26 17.52 7.71
CA HIS A 72 -4.74 16.18 7.98
C HIS A 72 -3.60 16.30 8.99
N GLU A 73 -3.38 15.24 9.77
CA GLU A 73 -2.38 15.27 10.82
C GLU A 73 -0.96 15.29 10.25
N LYS A 74 -0.82 14.90 9.00
CA LYS A 74 0.50 14.92 8.35
C LYS A 74 0.64 16.11 7.40
N LEU A 75 -0.28 17.06 7.54
CA LEU A 75 -0.19 18.32 6.80
C LEU A 75 -0.03 19.46 7.80
N VAL A 76 0.87 20.38 7.52
CA VAL A 76 1.05 21.54 8.39
C VAL A 76 -0.21 22.38 8.28
N GLN A 77 -0.81 22.70 9.42
CA GLN A 77 -2.15 23.29 9.42
C GLN A 77 -2.11 24.81 9.43
N LEU A 78 -2.85 25.40 8.50
CA LEU A 78 -2.97 26.85 8.39
C LEU A 78 -3.73 27.45 9.56
N TYR A 79 -3.17 28.48 10.17
CA TYR A 79 -3.84 29.19 11.27
C TYR A 79 -4.50 30.48 10.81
N ALA A 80 -3.74 31.32 10.12
CA ALA A 80 -4.24 32.62 9.69
C ALA A 80 -3.39 33.23 8.59
N VAL A 81 -3.92 34.25 7.93
CA VAL A 81 -3.21 34.94 6.85
C VAL A 81 -3.31 36.47 6.94
N VAL A 82 -2.35 37.15 6.35
CA VAL A 82 -2.44 38.58 6.09
C VAL A 82 -2.39 38.84 4.58
N SER A 83 -3.52 39.26 4.01
CA SER A 83 -3.65 39.38 2.56
C SER A 83 -2.77 40.48 1.97
N GLU A 84 -2.70 41.61 2.66
CA GLU A 84 -1.93 42.75 2.19
C GLU A 84 -0.43 42.43 2.11
N GLU A 85 0.22 42.91 1.06
CA GLU A 85 1.65 42.70 0.89
C GLU A 85 2.47 43.50 1.91
N PRO A 86 3.54 42.88 2.46
CA PRO A 86 3.95 41.51 2.14
C PRO A 86 3.05 40.47 2.82
N ILE A 87 2.64 39.48 2.04
CA ILE A 87 1.68 38.48 2.52
C ILE A 87 2.30 37.62 3.61
N TYR A 88 1.55 37.42 4.69
CA TYR A 88 2.01 36.61 5.81
C TYR A 88 1.17 35.33 5.87
N ILE A 89 1.84 34.20 6.00
CA ILE A 89 1.15 32.93 6.18
C ILE A 89 1.48 32.38 7.56
N VAL A 90 0.44 32.14 8.35
CA VAL A 90 0.64 31.75 9.74
C VAL A 90 0.14 30.33 9.97
N THR A 91 1.06 29.46 10.41
CA THR A 91 0.78 28.04 10.49
C THR A 91 1.33 27.46 11.79
N GLU A 92 1.00 26.20 12.06
CA GLU A 92 1.51 25.50 13.23
C GLU A 92 3.03 25.39 13.20
N TYR A 93 3.66 25.65 14.33
CA TYR A 93 5.11 25.64 14.41
C TYR A 93 5.68 24.23 14.44
N MET A 94 6.75 24.02 13.68
CA MET A 94 7.48 22.76 13.70
C MET A 94 8.89 22.99 14.24
N SER A 95 9.22 22.25 15.29
CA SER A 95 10.43 22.51 16.07
C SER A 95 11.76 22.25 15.36
N LYS A 96 11.83 21.22 14.53
CA LYS A 96 13.11 20.84 13.92
C LYS A 96 13.35 21.49 12.55
N GLY A 97 12.46 22.40 12.16
CA GLY A 97 12.62 23.10 10.89
C GLY A 97 12.41 22.22 9.67
N SER A 98 13.11 22.57 8.59
CA SER A 98 12.99 21.86 7.32
C SER A 98 13.57 20.46 7.39
N LEU A 99 13.03 19.56 6.56
CA LEU A 99 13.56 18.21 6.44
C LEU A 99 14.97 18.23 5.91
N LEU A 100 15.21 19.11 4.94
CA LEU A 100 16.54 19.30 4.37
C LEU A 100 17.51 19.79 5.43
N ASP A 101 17.04 20.69 6.30
CA ASP A 101 17.83 21.16 7.43
C ASP A 101 18.18 20.02 8.37
N PHE A 102 17.17 19.21 8.68
CA PHE A 102 17.30 18.11 9.63
C PHE A 102 18.25 17.03 9.15
N LEU A 103 18.12 16.63 7.89
CA LEU A 103 18.97 15.59 7.32
C LEU A 103 20.42 16.03 7.27
N LYS A 104 20.65 17.29 6.94
CA LYS A 104 21.99 17.83 6.81
C LYS A 104 22.56 18.21 8.17
N GLY A 105 21.72 18.13 9.20
CA GLY A 105 22.11 18.54 10.53
C GLY A 105 22.85 17.47 11.31
N GLU A 106 23.10 17.76 12.57
CA GLU A 106 23.83 16.84 13.45
C GLU A 106 23.07 15.53 13.66
N MET A 107 21.75 15.61 13.72
CA MET A 107 20.92 14.43 13.95
C MET A 107 20.95 13.45 12.79
N GLY A 108 21.27 13.94 11.60
CA GLY A 108 21.28 13.12 10.40
C GLY A 108 22.19 11.91 10.49
N LYS A 109 23.30 12.05 11.22
CA LYS A 109 24.27 10.96 11.37
C LYS A 109 23.66 9.78 12.13
N TYR A 110 22.75 10.09 13.05
CA TYR A 110 22.07 9.07 13.84
C TYR A 110 20.87 8.47 13.13
N LEU A 111 20.42 9.11 12.07
CA LEU A 111 19.31 8.60 11.28
C LEU A 111 19.73 7.34 10.52
N ARG A 112 18.85 6.35 10.53
CA ARG A 112 19.08 5.12 9.78
C ARG A 112 17.87 4.84 8.91
N LEU A 113 17.93 3.76 8.13
CA LEU A 113 16.89 3.43 7.18
C LEU A 113 15.48 3.31 7.80
N PRO A 114 15.35 2.67 8.98
CA PRO A 114 14.01 2.63 9.58
C PRO A 114 13.43 4.02 9.89
N GLN A 115 14.27 4.94 10.36
CA GLN A 115 13.81 6.29 10.64
C GLN A 115 13.40 7.00 9.35
N LEU A 116 14.25 6.90 8.33
CA LEU A 116 14.02 7.57 7.06
C LEU A 116 12.80 7.05 6.32
N VAL A 117 12.61 5.73 6.36
CA VAL A 117 11.44 5.11 5.75
C VAL A 117 10.17 5.52 6.49
N ASP A 118 10.27 5.62 7.81
CA ASP A 118 9.16 6.10 8.63
C ASP A 118 8.83 7.55 8.29
N MET A 119 9.87 8.37 8.12
CA MET A 119 9.69 9.76 7.71
C MET A 119 9.08 9.81 6.31
N ALA A 120 9.51 8.92 5.44
CA ALA A 120 8.97 8.81 4.09
C ALA A 120 7.50 8.40 4.13
N ALA A 121 7.16 7.50 5.05
CA ALA A 121 5.79 7.00 5.20
C ALA A 121 4.82 8.09 5.62
N GLN A 122 5.24 8.94 6.56
CA GLN A 122 4.40 10.04 7.04
C GLN A 122 4.08 11.02 5.91
N ILE A 123 5.08 11.29 5.08
CA ILE A 123 4.91 12.16 3.92
C ILE A 123 3.89 11.56 2.96
N ALA A 124 4.01 10.26 2.73
CA ALA A 124 3.10 9.54 1.85
C ALA A 124 1.68 9.56 2.39
N SER A 125 1.55 9.50 3.71
CA SER A 125 0.24 9.51 4.36
C SER A 125 -0.47 10.83 4.16
N GLY A 126 0.27 11.92 4.26
CA GLY A 126 -0.27 13.25 4.02
C GLY A 126 -0.66 13.44 2.57
N MET A 127 0.21 12.96 1.67
CA MET A 127 -0.05 13.03 0.24
C MET A 127 -1.22 12.14 -0.16
N ALA A 128 -1.36 11.01 0.53
CA ALA A 128 -2.47 10.09 0.27
C ALA A 128 -3.80 10.77 0.57
N TYR A 129 -3.82 11.59 1.61
CA TYR A 129 -4.99 12.41 1.92
C TYR A 129 -5.23 13.41 0.81
N VAL A 130 -4.15 14.06 0.36
CA VAL A 130 -4.20 15.00 -0.75
C VAL A 130 -4.67 14.30 -2.01
N GLU A 131 -4.22 13.05 -2.18
CA GLU A 131 -4.65 12.22 -3.31
C GLU A 131 -6.14 11.94 -3.25
N ARG A 132 -6.63 11.64 -2.06
CA ARG A 132 -8.06 11.41 -1.83
C ARG A 132 -8.86 12.70 -2.02
N MET A 133 -8.26 13.84 -1.68
CA MET A 133 -8.95 15.12 -1.77
C MET A 133 -8.93 15.73 -3.18
N ASN A 134 -8.37 15.00 -4.13
CA ASN A 134 -8.26 15.47 -5.51
C ASN A 134 -7.48 16.78 -5.60
N TYR A 135 -6.37 16.85 -4.89
CA TYR A 135 -5.55 18.06 -4.82
C TYR A 135 -4.14 17.79 -5.34
N VAL A 136 -3.45 18.84 -5.78
CA VAL A 136 -2.07 18.70 -6.24
C VAL A 136 -1.13 19.63 -5.49
N HIS A 137 -0.04 19.08 -4.96
CA HIS A 137 0.97 19.88 -4.28
C HIS A 137 1.83 20.75 -5.20
N ARG A 138 2.30 20.15 -6.29
CA ARG A 138 3.06 20.81 -7.36
C ARG A 138 4.54 21.05 -7.03
N ASP A 139 4.93 20.86 -5.78
CA ASP A 139 6.33 21.05 -5.38
C ASP A 139 6.69 20.23 -4.15
N LEU A 140 6.69 18.92 -4.30
CA LEU A 140 6.94 18.02 -3.17
C LEU A 140 8.42 17.66 -3.05
N ARG A 141 9.08 18.20 -2.04
CA ARG A 141 10.50 17.89 -1.78
C ARG A 141 10.87 18.20 -0.33
N ALA A 142 12.10 17.86 0.04
CA ALA A 142 12.58 17.98 1.41
C ALA A 142 12.54 19.41 1.94
N ALA A 143 12.77 20.37 1.06
CA ALA A 143 12.70 21.79 1.43
C ALA A 143 11.33 22.18 1.96
N ASN A 144 10.28 21.55 1.42
CA ASN A 144 8.91 21.87 1.82
C ASN A 144 8.31 20.89 2.81
N ILE A 145 9.14 19.99 3.32
CA ILE A 145 8.74 19.12 4.43
C ILE A 145 9.18 19.76 5.75
N LEU A 146 8.31 19.69 6.76
CA LEU A 146 8.64 20.25 8.06
C LEU A 146 8.74 19.16 9.11
N VAL A 147 9.79 19.23 9.92
CA VAL A 147 10.02 18.21 10.95
C VAL A 147 9.77 18.78 12.34
N GLY A 148 9.15 17.96 13.19
CA GLY A 148 8.81 18.38 14.53
C GLY A 148 9.42 17.41 15.51
N GLU A 149 8.96 17.46 16.76
CA GLU A 149 9.46 16.57 17.80
C GLU A 149 9.12 15.12 17.51
N ASN A 150 10.01 14.21 17.92
CA ASN A 150 9.81 12.77 17.81
C ASN A 150 9.74 12.24 16.37
N LEU A 151 10.48 12.88 15.47
CA LEU A 151 10.60 12.47 14.08
C LEU A 151 9.29 12.61 13.30
N VAL A 152 8.44 13.53 13.72
CA VAL A 152 7.20 13.76 12.99
C VAL A 152 7.45 14.65 11.77
N CYS A 153 7.02 14.17 10.60
CA CYS A 153 7.19 14.92 9.36
C CYS A 153 5.83 15.28 8.78
N LYS A 154 5.66 16.54 8.41
CA LYS A 154 4.40 17.00 7.82
C LYS A 154 4.67 17.76 6.52
N VAL A 155 3.76 17.60 5.56
CA VAL A 155 3.88 18.28 4.28
C VAL A 155 3.38 19.72 4.38
N ALA A 156 4.11 20.65 3.79
CA ALA A 156 3.77 22.07 3.90
C ALA A 156 3.77 22.75 2.53
N ASP A 157 3.21 23.97 2.50
CA ASP A 157 3.26 24.84 1.32
C ASP A 157 2.62 24.22 0.09
N PHE A 158 1.52 23.48 0.29
CA PHE A 158 0.77 22.94 -0.84
C PHE A 158 -0.08 24.03 -1.51
N GLY A 159 -0.06 24.05 -2.84
CA GLY A 159 -0.94 24.93 -3.59
C GLY A 159 -0.37 26.31 -3.90
N LEU A 160 0.81 26.61 -3.38
CA LEU A 160 1.40 27.93 -3.58
C LEU A 160 2.24 28.03 -4.85
N ALA A 161 2.59 26.87 -5.41
CA ALA A 161 3.38 26.83 -6.64
C ALA A 161 2.63 27.44 -7.82
N ARG A 162 1.33 27.16 -7.89
CA ARG A 162 0.47 27.64 -8.95
C ARG A 162 0.37 29.17 -8.93
N LEU A 163 0.31 29.72 -7.72
CA LEU A 163 0.04 31.14 -7.55
C LEU A 163 1.22 32.04 -7.91
N ILE A 164 2.39 31.45 -8.09
CA ILE A 164 3.61 32.22 -8.35
C ILE A 164 3.56 32.92 -9.71
N GLU A 165 3.85 34.21 -9.70
CA GLU A 165 3.73 35.05 -10.90
C GLU A 165 5.04 35.27 -11.64
N ASP A 166 6.14 34.72 -11.12
CA ASP A 166 7.46 34.90 -11.73
C ASP A 166 7.49 34.39 -13.18
N ASN A 167 7.97 35.23 -14.08
CA ASN A 167 7.93 34.94 -15.51
C ASN A 167 8.71 33.71 -15.93
N GLU A 168 9.90 33.54 -15.38
CA GLU A 168 10.72 32.36 -15.66
C GLU A 168 10.09 31.10 -15.07
N TYR A 169 9.59 31.23 -13.86
CA TYR A 169 8.99 30.11 -13.13
C TYR A 169 7.76 29.58 -13.86
N THR A 170 6.98 30.49 -14.44
CA THR A 170 5.76 30.11 -15.15
C THR A 170 6.06 29.18 -16.32
N ALA A 171 7.19 29.40 -16.98
CA ALA A 171 7.57 28.60 -18.13
C ALA A 171 8.34 27.35 -17.70
N ARG A 172 8.39 27.11 -16.40
CA ARG A 172 9.13 26.00 -15.81
C ARG A 172 10.61 26.08 -16.17
N GLN A 173 11.18 27.26 -16.03
CA GLN A 173 12.57 27.54 -16.42
C GLN A 173 13.25 28.43 -15.39
N GLY A 174 14.56 28.61 -15.53
CA GLY A 174 15.26 29.67 -14.84
C GLY A 174 15.85 29.47 -13.45
N ALA A 175 15.91 28.24 -12.98
CA ALA A 175 16.72 27.88 -11.80
C ALA A 175 16.10 28.40 -10.49
N LYS A 176 14.97 29.09 -10.61
CA LYS A 176 14.11 29.35 -9.46
C LYS A 176 13.10 28.22 -9.39
N PHE A 177 13.14 27.38 -10.43
CA PHE A 177 12.23 26.27 -10.60
C PHE A 177 12.90 24.95 -10.26
N PRO A 178 12.23 24.11 -9.46
CA PRO A 178 12.81 22.83 -9.05
C PRO A 178 12.64 21.76 -10.13
N ILE A 179 13.35 21.95 -11.24
CA ILE A 179 13.23 21.08 -12.39
C ILE A 179 13.67 19.64 -12.06
N LYS A 180 14.63 19.52 -11.15
CA LYS A 180 15.16 18.22 -10.77
C LYS A 180 14.11 17.34 -10.09
N TRP A 181 13.16 17.96 -9.40
CA TRP A 181 12.06 17.23 -8.77
C TRP A 181 10.85 17.13 -9.69
N THR A 182 10.93 17.74 -10.87
CA THR A 182 9.72 17.90 -11.69
C THR A 182 9.62 16.83 -12.78
N ALA A 183 8.46 16.19 -12.83
CA ALA A 183 8.17 15.17 -13.82
C ALA A 183 8.21 15.75 -15.24
N PRO A 184 8.65 14.94 -16.21
CA PRO A 184 8.85 15.45 -17.58
C PRO A 184 7.58 16.02 -18.21
N GLU A 185 6.44 15.36 -18.03
CA GLU A 185 5.19 15.86 -18.61
C GLU A 185 4.77 17.18 -17.97
N ALA A 186 5.15 17.37 -16.71
CA ALA A 186 4.82 18.60 -15.99
C ALA A 186 5.85 19.69 -16.25
N ALA A 187 6.99 19.30 -16.83
CA ALA A 187 8.05 20.24 -17.13
C ALA A 187 7.86 20.81 -18.53
N LEU A 188 7.63 19.92 -19.49
CA LEU A 188 7.37 20.33 -20.86
C LEU A 188 6.05 21.07 -21.02
N TYR A 189 4.98 20.46 -20.53
CA TYR A 189 3.63 20.94 -20.83
C TYR A 189 2.91 21.51 -19.63
N GLY A 190 3.57 21.47 -18.47
CA GLY A 190 3.01 22.01 -17.25
C GLY A 190 1.74 21.32 -16.78
N ARG A 191 1.66 20.02 -17.01
CA ARG A 191 0.49 19.26 -16.57
C ARG A 191 0.76 18.68 -15.18
N PHE A 192 0.28 19.37 -14.16
CA PHE A 192 0.56 18.99 -12.78
C PHE A 192 -0.59 18.18 -12.20
N THR A 193 -0.27 16.95 -11.81
CA THR A 193 -1.27 16.05 -11.24
C THR A 193 -0.72 15.43 -9.97
N ILE A 194 -1.56 14.66 -9.28
CA ILE A 194 -1.11 13.90 -8.13
C ILE A 194 -0.04 12.90 -8.58
N LYS A 195 -0.12 12.47 -9.83
CA LYS A 195 0.87 11.60 -10.43
C LYS A 195 2.23 12.27 -10.59
N SER A 196 2.22 13.54 -10.96
CA SER A 196 3.45 14.32 -11.08
C SER A 196 4.08 14.53 -9.70
N ASP A 197 3.25 14.59 -8.68
CA ASP A 197 3.71 14.67 -7.30
C ASP A 197 4.43 13.38 -6.90
N VAL A 198 3.93 12.26 -7.38
CA VAL A 198 4.54 10.95 -7.12
C VAL A 198 5.97 10.91 -7.65
N TRP A 199 6.20 11.55 -8.79
CA TRP A 199 7.53 11.66 -9.36
C TRP A 199 8.44 12.44 -8.41
N SER A 200 7.91 13.54 -7.88
CA SER A 200 8.66 14.38 -6.94
C SER A 200 8.98 13.61 -5.67
N PHE A 201 8.02 12.79 -5.24
CA PHE A 201 8.17 11.95 -4.06
C PHE A 201 9.33 10.95 -4.22
N GLY A 202 9.46 10.40 -5.42
CA GLY A 202 10.55 9.50 -5.71
C GLY A 202 11.90 10.20 -5.58
N ILE A 203 11.95 11.44 -6.07
CA ILE A 203 13.11 12.28 -5.87
C ILE A 203 13.30 12.62 -4.39
N LEU A 204 12.19 12.80 -3.67
CA LEU A 204 12.25 13.08 -2.25
C LEU A 204 12.88 11.90 -1.51
N LEU A 205 12.62 10.70 -2.00
CA LEU A 205 13.19 9.49 -1.43
C LEU A 205 14.71 9.48 -1.54
N THR A 206 15.22 10.05 -2.64
CA THR A 206 16.66 10.20 -2.83
C THR A 206 17.27 11.09 -1.75
N GLU A 207 16.60 12.20 -1.45
CA GLU A 207 17.03 13.13 -0.41
C GLU A 207 17.14 12.45 0.96
N LEU A 208 16.20 11.56 1.25
CA LEU A 208 16.20 10.83 2.52
C LEU A 208 17.38 9.86 2.61
N THR A 209 17.53 9.02 1.60
CA THR A 209 18.53 7.96 1.64
C THR A 209 19.95 8.46 1.39
N THR A 210 20.08 9.72 0.99
CA THR A 210 21.38 10.35 0.87
C THR A 210 21.57 11.40 1.95
N LYS A 211 20.57 11.48 2.84
CA LYS A 211 20.56 12.46 3.93
C LYS A 211 20.71 13.90 3.43
N GLY A 212 19.98 14.25 2.37
CA GLY A 212 19.91 15.62 1.93
C GLY A 212 20.78 16.05 0.75
N ARG A 213 21.33 15.09 0.02
CA ARG A 213 22.10 15.41 -1.18
C ARG A 213 21.19 15.90 -2.30
N VAL A 214 21.65 16.88 -3.06
CA VAL A 214 20.92 17.38 -4.22
C VAL A 214 20.81 16.29 -5.29
N PRO A 215 19.63 16.17 -5.90
CA PRO A 215 19.37 15.14 -6.90
C PRO A 215 20.20 15.35 -8.17
N TYR A 216 20.46 14.26 -8.89
CA TYR A 216 21.29 14.31 -10.10
C TYR A 216 22.59 15.07 -9.86
N PRO A 217 23.42 14.60 -8.92
CA PRO A 217 24.64 15.34 -8.54
C PRO A 217 25.63 15.47 -9.69
N GLY A 218 26.15 16.68 -9.88
CA GLY A 218 27.10 16.96 -10.94
C GLY A 218 26.43 17.47 -12.20
N MET A 219 25.17 17.09 -12.41
CA MET A 219 24.36 17.60 -13.50
C MET A 219 23.78 18.97 -13.15
N VAL A 220 23.47 19.75 -14.18
CA VAL A 220 22.91 21.09 -13.97
C VAL A 220 21.47 21.11 -14.48
N ASN A 221 20.71 22.13 -14.07
CA ASN A 221 19.26 22.17 -14.33
C ASN A 221 18.91 22.03 -15.80
N ARG A 222 19.73 22.62 -16.67
CA ARG A 222 19.56 22.48 -18.11
C ARG A 222 19.74 21.02 -18.54
N GLU A 223 20.76 20.38 -18.00
CA GLU A 223 21.17 19.04 -18.39
C GLU A 223 20.13 17.97 -18.05
N VAL A 224 19.42 18.16 -16.95
CA VAL A 224 18.55 17.11 -16.39
C VAL A 224 17.40 16.67 -17.30
N LEU A 225 16.69 17.61 -17.90
CA LEU A 225 15.49 17.27 -18.67
C LEU A 225 15.79 16.37 -19.87
N ASP A 226 16.84 16.69 -20.62
CA ASP A 226 17.22 15.86 -21.76
C ASP A 226 17.68 14.47 -21.31
N GLN A 227 18.42 14.43 -20.20
CA GLN A 227 18.90 13.16 -19.66
C GLN A 227 17.73 12.29 -19.21
N VAL A 228 16.78 12.90 -18.49
CA VAL A 228 15.59 12.19 -18.06
C VAL A 228 14.76 11.75 -19.26
N GLU A 229 14.66 12.62 -20.26
CA GLU A 229 13.89 12.33 -21.47
C GLU A 229 14.45 11.13 -22.23
N ARG A 230 15.76 10.95 -22.16
CA ARG A 230 16.41 9.86 -22.89
C ARG A 230 16.54 8.63 -22.00
N GLY A 231 15.86 8.65 -20.86
CA GLY A 231 15.75 7.48 -20.00
C GLY A 231 16.75 7.35 -18.87
N TYR A 232 17.53 8.39 -18.59
CA TYR A 232 18.43 8.36 -17.46
C TYR A 232 17.65 8.45 -16.14
N ARG A 233 18.01 7.59 -15.20
CA ARG A 233 17.43 7.61 -13.86
C ARG A 233 18.54 7.56 -12.82
N MET A 234 18.30 8.15 -11.66
CA MET A 234 19.30 8.16 -10.61
C MET A 234 19.60 6.73 -10.15
N PRO A 235 20.88 6.44 -9.91
CA PRO A 235 21.29 5.09 -9.50
C PRO A 235 20.90 4.80 -8.06
N CYS A 236 21.00 3.53 -7.66
CA CYS A 236 20.77 3.17 -6.27
C CYS A 236 21.81 3.82 -5.37
N PRO A 237 21.35 4.57 -4.36
CA PRO A 237 22.23 5.23 -3.40
C PRO A 237 23.01 4.23 -2.55
N PRO A 238 24.16 4.64 -1.99
CA PRO A 238 24.97 3.74 -1.18
C PRO A 238 24.22 3.24 0.05
N GLU A 239 24.39 1.95 0.36
CA GLU A 239 23.79 1.31 1.52
C GLU A 239 22.25 1.29 1.45
N CYS A 240 21.71 1.62 0.29
CA CYS A 240 20.26 1.59 0.08
C CYS A 240 19.86 0.27 -0.58
N PRO A 241 18.85 -0.40 0.00
CA PRO A 241 18.35 -1.66 -0.57
C PRO A 241 17.77 -1.44 -1.96
N GLU A 242 18.02 -2.38 -2.86
CA GLU A 242 17.64 -2.23 -4.26
C GLU A 242 16.12 -2.10 -4.36
N SER A 243 15.43 -2.74 -3.42
CA SER A 243 13.97 -2.72 -3.36
C SER A 243 13.39 -1.32 -3.18
N LEU A 244 14.05 -0.51 -2.36
CA LEU A 244 13.66 0.90 -2.20
C LEU A 244 13.93 1.69 -3.48
N HIS A 245 15.08 1.41 -4.09
CA HIS A 245 15.45 2.09 -5.33
C HIS A 245 14.50 1.72 -6.47
N ASP A 246 14.01 0.48 -6.45
CA ASP A 246 13.02 0.05 -7.43
C ASP A 246 11.72 0.83 -7.27
N LEU A 247 11.37 1.15 -6.03
CA LEU A 247 10.22 1.99 -5.75
C LEU A 247 10.42 3.40 -6.34
N MET A 248 11.65 3.89 -6.28
CA MET A 248 11.98 5.19 -6.87
C MET A 248 11.76 5.18 -8.37
N CYS A 249 12.21 4.10 -9.00
CA CYS A 249 12.08 3.94 -10.45
C CYS A 249 10.62 3.85 -10.90
N GLN A 250 9.78 3.23 -10.08
CA GLN A 250 8.36 3.17 -10.39
C GLN A 250 7.76 4.56 -10.40
N CYS A 251 8.20 5.40 -9.47
CA CYS A 251 7.78 6.79 -9.39
C CYS A 251 8.29 7.57 -10.60
N TRP A 252 9.38 7.10 -11.19
CA TRP A 252 10.05 7.80 -12.28
C TRP A 252 9.70 7.25 -13.66
N ARG A 253 8.62 6.49 -13.76
CA ARG A 253 8.18 5.95 -15.05
C ARG A 253 7.66 7.05 -15.97
N LYS A 254 7.97 6.93 -17.26
CA LYS A 254 7.65 7.96 -18.24
C LYS A 254 6.14 8.15 -18.35
N ASP A 255 5.41 7.03 -18.41
CA ASP A 255 3.97 7.07 -18.43
C ASP A 255 3.48 7.30 -17.00
N PRO A 256 2.80 8.44 -16.77
CA PRO A 256 2.35 8.78 -15.42
C PRO A 256 1.41 7.73 -14.86
N GLU A 257 0.57 7.14 -15.71
CA GLU A 257 -0.43 6.17 -15.28
C GLU A 257 0.16 4.95 -14.58
N GLU A 258 1.36 4.55 -14.99
CA GLU A 258 2.03 3.41 -14.38
C GLU A 258 2.84 3.73 -13.12
N ARG A 259 2.90 5.01 -12.76
CA ARG A 259 3.52 5.39 -11.49
C ARG A 259 2.59 5.01 -10.33
N PRO A 260 3.16 4.65 -9.17
CA PRO A 260 2.33 4.19 -8.05
C PRO A 260 1.50 5.30 -7.42
N THR A 261 0.41 4.93 -6.77
CA THR A 261 -0.39 5.88 -5.99
C THR A 261 0.25 6.12 -4.62
N PHE A 262 -0.09 7.25 -4.02
CA PHE A 262 0.38 7.58 -2.68
C PHE A 262 -0.16 6.63 -1.61
N GLU A 263 -1.35 6.08 -1.82
CA GLU A 263 -1.88 5.07 -0.92
C GLU A 263 -1.02 3.81 -0.91
N TYR A 264 -0.61 3.38 -2.10
CA TYR A 264 0.28 2.23 -2.24
C TYR A 264 1.62 2.52 -1.58
N LEU A 265 2.11 3.73 -1.79
CA LEU A 265 3.40 4.14 -1.26
C LEU A 265 3.40 4.11 0.26
N GLN A 266 2.33 4.62 0.86
CA GLN A 266 2.25 4.71 2.32
C GLN A 266 2.26 3.33 2.96
N ALA A 267 1.49 2.41 2.39
CA ALA A 267 1.43 1.04 2.88
C ALA A 267 2.77 0.32 2.67
N PHE A 268 3.39 0.56 1.53
CA PHE A 268 4.67 -0.06 1.22
C PHE A 268 5.76 0.36 2.21
N LEU A 269 5.83 1.66 2.48
CA LEU A 269 6.83 2.18 3.40
C LEU A 269 6.54 1.75 4.84
N GLU A 270 5.26 1.73 5.20
CA GLU A 270 4.85 1.30 6.53
C GLU A 270 5.19 -0.17 6.79
N ASP A 271 5.06 -1.01 5.77
CA ASP A 271 5.24 -2.44 5.92
C ASP A 271 6.59 -2.90 5.37
N TYR A 272 7.49 -1.95 5.17
CA TYR A 272 8.73 -2.19 4.45
C TYR A 272 9.64 -3.22 5.12
N PHE A 273 9.74 -3.18 6.45
CA PHE A 273 10.67 -4.04 7.15
C PHE A 273 10.09 -5.38 7.59
N THR A 274 8.79 -5.57 7.38
CA THR A 274 8.20 -6.89 7.56
C THR A 274 7.85 -7.54 6.22
N SER A 275 7.33 -6.74 5.29
CA SER A 275 6.91 -7.26 4.00
C SER A 275 7.98 -7.26 2.91
N THR A 276 8.94 -6.35 3.01
CA THR A 276 9.87 -6.14 1.90
C THR A 276 11.32 -6.50 2.25
N GLU A 277 11.82 -5.97 3.36
CA GLU A 277 13.20 -6.25 3.77
C GLU A 277 13.27 -6.67 5.24
N PRO A 278 12.74 -7.86 5.56
CA PRO A 278 12.79 -8.37 6.93
C PRO A 278 14.21 -8.61 7.41
N GLN A 279 15.09 -9.04 6.50
CA GLN A 279 16.47 -9.33 6.84
C GLN A 279 17.35 -8.09 6.66
N TYR A 280 16.96 -6.98 7.27
CA TYR A 280 17.75 -5.76 7.20
C TYR A 280 18.75 -5.66 8.35
N GLN A 281 19.95 -5.19 8.02
CA GLN A 281 20.96 -4.88 9.03
C GLN A 281 21.42 -3.44 8.86
N PRO A 282 21.50 -2.69 9.96
CA PRO A 282 21.99 -1.30 9.86
C PRO A 282 23.45 -1.21 9.45
N GLY A 283 23.79 -0.16 8.73
CA GLY A 283 25.16 0.08 8.31
C GLY A 283 25.66 1.36 8.93
N GLU A 284 26.80 1.86 8.46
CA GLU A 284 27.35 3.12 8.95
C GLU A 284 26.43 4.30 8.62
N ASN A 285 25.84 4.28 7.44
CA ASN A 285 24.95 5.36 7.02
C ASN A 285 23.47 5.02 7.08
N LEU A 286 23.11 3.82 6.62
CA LEU A 286 21.70 3.47 6.51
C LEU A 286 21.37 2.24 7.36
N ALA B 12 -7.20 -45.69 -7.68
CA ALA B 12 -6.20 -44.73 -7.24
C ALA B 12 -5.74 -43.85 -8.39
N TRP B 13 -5.93 -42.55 -8.25
CA TRP B 13 -5.54 -41.59 -9.28
C TRP B 13 -4.06 -41.21 -9.13
N GLU B 14 -3.31 -42.04 -8.41
CA GLU B 14 -1.88 -41.84 -8.26
C GLU B 14 -1.20 -42.01 -9.61
N ILE B 15 -0.13 -41.26 -9.84
CA ILE B 15 0.60 -41.33 -11.09
C ILE B 15 2.11 -41.39 -10.81
N PRO B 16 2.91 -41.78 -11.82
CA PRO B 16 4.37 -41.81 -11.62
C PRO B 16 5.02 -40.43 -11.62
N ARG B 17 6.03 -40.27 -10.78
CA ARG B 17 6.74 -39.00 -10.64
C ARG B 17 7.45 -38.62 -11.93
N GLU B 18 8.00 -39.62 -12.62
CA GLU B 18 8.74 -39.41 -13.87
C GLU B 18 7.84 -38.82 -14.96
N SER B 19 6.53 -39.06 -14.84
CA SER B 19 5.55 -38.53 -15.78
C SER B 19 5.51 -37.00 -15.75
N LEU B 20 5.91 -36.42 -14.62
CA LEU B 20 5.82 -34.99 -14.41
C LEU B 20 7.16 -34.28 -14.61
N ARG B 21 7.14 -33.21 -15.41
CA ARG B 21 8.32 -32.36 -15.57
C ARG B 21 8.06 -30.98 -14.99
N LEU B 22 8.93 -30.53 -14.09
CA LEU B 22 8.78 -29.24 -13.43
C LEU B 22 9.61 -28.18 -14.12
N GLU B 23 8.94 -27.20 -14.72
CA GLU B 23 9.62 -26.21 -15.56
C GLU B 23 9.96 -24.91 -14.86
N VAL B 24 8.98 -24.30 -14.18
CA VAL B 24 9.19 -23.00 -13.53
C VAL B 24 8.52 -22.91 -12.17
N LYS B 25 9.22 -22.32 -11.21
CA LYS B 25 8.69 -22.18 -9.84
C LYS B 25 7.81 -20.95 -9.74
N LEU B 26 6.51 -21.18 -9.54
CA LEU B 26 5.57 -20.08 -9.36
C LEU B 26 5.67 -19.43 -7.97
N GLY B 27 5.83 -20.25 -6.94
CA GLY B 27 5.88 -19.74 -5.57
C GLY B 27 6.41 -20.73 -4.56
N GLN B 28 6.86 -20.23 -3.42
CA GLN B 28 7.31 -21.09 -2.31
C GLN B 28 6.62 -20.68 -1.01
N GLY B 29 6.28 -21.68 -0.20
CA GLY B 29 5.51 -21.46 1.01
C GLY B 29 6.15 -22.16 2.20
N CYS B 30 5.50 -22.07 3.35
CA CYS B 30 6.01 -22.67 4.58
C CYS B 30 6.13 -24.20 4.50
N PHE B 31 5.15 -24.84 3.88
CA PHE B 31 5.16 -26.29 3.77
C PHE B 31 5.46 -26.79 2.36
N GLY B 32 5.68 -25.88 1.43
CA GLY B 32 5.85 -26.28 0.05
C GLY B 32 6.09 -25.23 -0.99
N GLU B 33 6.16 -25.68 -2.24
CA GLU B 33 6.31 -24.80 -3.39
C GLU B 33 5.36 -25.24 -4.51
N VAL B 34 5.12 -24.34 -5.45
CA VAL B 34 4.26 -24.66 -6.59
C VAL B 34 5.03 -24.44 -7.89
N TRP B 35 4.84 -25.35 -8.84
CA TRP B 35 5.57 -25.32 -10.10
C TRP B 35 4.64 -25.40 -11.30
N MET B 36 4.92 -24.60 -12.32
CA MET B 36 4.34 -24.84 -13.62
C MET B 36 5.11 -25.95 -14.31
N GLY B 37 4.40 -26.82 -15.02
CA GLY B 37 5.02 -28.01 -15.58
C GLY B 37 4.15 -28.66 -16.63
N THR B 38 4.64 -29.75 -17.20
CA THR B 38 3.84 -30.49 -18.18
C THR B 38 3.58 -31.93 -17.77
N TRP B 39 2.30 -32.30 -17.76
CA TRP B 39 1.88 -33.65 -17.41
C TRP B 39 1.87 -34.52 -18.65
N ASN B 40 2.51 -35.68 -18.55
CA ASN B 40 2.48 -36.67 -19.63
C ASN B 40 3.03 -36.12 -20.94
N GLY B 41 3.74 -35.01 -20.85
CA GLY B 41 4.34 -34.38 -22.02
C GLY B 41 3.41 -33.51 -22.84
N THR B 42 2.10 -33.64 -22.61
CA THR B 42 1.11 -32.91 -23.40
C THR B 42 0.37 -31.80 -22.65
N THR B 43 0.04 -32.04 -21.39
CA THR B 43 -0.88 -31.17 -20.67
C THR B 43 -0.20 -30.21 -19.68
N ARG B 44 -0.50 -28.93 -19.84
CA ARG B 44 -0.02 -27.91 -18.91
C ARG B 44 -0.73 -28.08 -17.58
N VAL B 45 0.06 -28.14 -16.51
CA VAL B 45 -0.47 -28.41 -15.18
C VAL B 45 0.27 -27.61 -14.13
N ALA B 46 -0.33 -27.52 -12.95
CA ALA B 46 0.34 -26.93 -11.80
C ALA B 46 0.74 -28.03 -10.84
N ILE B 47 2.01 -28.03 -10.43
CA ILE B 47 2.50 -29.06 -9.52
C ILE B 47 2.85 -28.44 -8.17
N LYS B 48 2.15 -28.90 -7.15
CA LYS B 48 2.36 -28.42 -5.80
C LYS B 48 3.09 -29.49 -4.99
N THR B 49 4.16 -29.09 -4.32
CA THR B 49 5.02 -30.05 -3.64
C THR B 49 5.04 -29.81 -2.14
N LEU B 50 4.92 -30.88 -1.37
CA LEU B 50 4.91 -30.79 0.09
C LEU B 50 6.23 -31.28 0.68
N LYS B 51 6.73 -30.56 1.68
CA LYS B 51 7.93 -30.98 2.39
C LYS B 51 7.64 -32.26 3.15
N PRO B 52 8.62 -33.17 3.23
CA PRO B 52 8.43 -34.42 3.94
C PRO B 52 8.13 -34.20 5.43
N GLY B 53 7.21 -34.98 5.97
CA GLY B 53 6.80 -34.82 7.36
C GLY B 53 5.67 -33.81 7.53
N THR B 54 5.16 -33.29 6.43
CA THR B 54 4.01 -32.40 6.49
C THR B 54 2.75 -33.21 6.82
N MET B 55 2.56 -34.31 6.09
CA MET B 55 1.40 -35.15 6.28
C MET B 55 1.65 -36.56 5.76
N SER B 56 1.04 -37.54 6.40
CA SER B 56 1.18 -38.94 6.01
C SER B 56 0.41 -39.23 4.73
N PRO B 57 1.03 -39.97 3.80
CA PRO B 57 0.43 -40.32 2.50
C PRO B 57 -0.86 -41.11 2.66
N GLU B 58 -0.96 -41.90 3.73
CA GLU B 58 -2.19 -42.61 4.04
C GLU B 58 -3.31 -41.61 4.35
N ALA B 59 -2.99 -40.59 5.14
CA ALA B 59 -3.96 -39.57 5.48
C ALA B 59 -4.33 -38.71 4.27
N PHE B 60 -3.31 -38.37 3.46
CA PHE B 60 -3.53 -37.55 2.28
C PHE B 60 -4.42 -38.22 1.25
N LEU B 61 -4.17 -39.50 1.00
CA LEU B 61 -4.95 -40.26 0.03
C LEU B 61 -6.39 -40.36 0.51
N GLN B 62 -6.54 -40.50 1.82
CA GLN B 62 -7.86 -40.55 2.44
C GLN B 62 -8.63 -39.26 2.20
N GLU B 63 -7.96 -38.13 2.36
CA GLU B 63 -8.55 -36.82 2.09
C GLU B 63 -8.78 -36.56 0.60
N ALA B 64 -7.85 -37.03 -0.23
CA ALA B 64 -7.93 -36.82 -1.66
C ALA B 64 -9.18 -37.46 -2.25
N GLN B 65 -9.67 -38.49 -1.58
CA GLN B 65 -10.90 -39.16 -2.00
C GLN B 65 -12.06 -38.18 -1.89
N VAL B 66 -12.11 -37.44 -0.79
CA VAL B 66 -13.09 -36.38 -0.60
C VAL B 66 -12.86 -35.26 -1.61
N MET B 67 -11.59 -34.94 -1.84
CA MET B 67 -11.21 -33.86 -2.75
C MET B 67 -11.65 -34.16 -4.18
N LYS B 68 -11.63 -35.44 -4.54
CA LYS B 68 -12.10 -35.88 -5.86
C LYS B 68 -13.58 -35.62 -6.03
N LYS B 69 -14.33 -35.79 -4.94
CA LYS B 69 -15.78 -35.61 -4.96
C LYS B 69 -16.18 -34.18 -5.29
N LEU B 70 -15.39 -33.21 -4.83
CA LEU B 70 -15.73 -31.81 -5.02
C LEU B 70 -15.34 -31.31 -6.40
N ARG B 71 -16.34 -31.01 -7.22
CA ARG B 71 -16.11 -30.45 -8.54
C ARG B 71 -16.91 -29.17 -8.74
N HIS B 72 -16.21 -28.07 -9.02
CA HIS B 72 -16.85 -26.79 -9.24
C HIS B 72 -15.96 -25.88 -10.09
N GLU B 73 -16.58 -24.97 -10.83
CA GLU B 73 -15.83 -24.09 -11.73
C GLU B 73 -15.01 -23.03 -11.02
N LYS B 74 -15.35 -22.75 -9.76
CA LYS B 74 -14.60 -21.78 -8.97
C LYS B 74 -13.68 -22.46 -7.98
N LEU B 75 -13.49 -23.76 -8.17
CA LEU B 75 -12.54 -24.53 -7.39
C LEU B 75 -11.47 -25.06 -8.33
N VAL B 76 -10.20 -24.93 -7.94
CA VAL B 76 -9.13 -25.47 -8.75
C VAL B 76 -9.24 -26.99 -8.73
N GLN B 77 -9.24 -27.61 -9.92
CA GLN B 77 -9.58 -29.02 -10.01
C GLN B 77 -8.38 -29.94 -9.95
N LEU B 78 -8.48 -30.92 -9.05
CA LEU B 78 -7.43 -31.92 -8.88
C LEU B 78 -7.31 -32.84 -10.09
N TYR B 79 -6.08 -33.03 -10.56
CA TYR B 79 -5.84 -33.94 -11.67
C TYR B 79 -5.32 -35.29 -11.19
N ALA B 80 -4.25 -35.26 -10.40
CA ALA B 80 -3.60 -36.48 -9.95
C ALA B 80 -2.70 -36.19 -8.75
N VAL B 81 -2.27 -37.25 -8.07
CA VAL B 81 -1.41 -37.11 -6.91
C VAL B 81 -0.24 -38.08 -6.97
N VAL B 82 0.83 -37.75 -6.26
CA VAL B 82 1.90 -38.71 -5.99
C VAL B 82 1.97 -38.93 -4.49
N SER B 83 1.56 -40.13 -4.07
CA SER B 83 1.40 -40.45 -2.66
C SER B 83 2.73 -40.47 -1.91
N GLU B 84 3.75 -41.06 -2.54
CA GLU B 84 5.06 -41.19 -1.91
C GLU B 84 5.67 -39.82 -1.64
N GLU B 85 6.30 -39.67 -0.47
CA GLU B 85 6.98 -38.42 -0.13
C GLU B 85 8.21 -38.21 -1.01
N PRO B 86 8.45 -36.97 -1.46
CA PRO B 86 7.61 -35.78 -1.18
C PRO B 86 6.34 -35.78 -2.01
N ILE B 87 5.22 -35.49 -1.38
CA ILE B 87 3.94 -35.56 -2.07
C ILE B 87 3.82 -34.47 -3.13
N TYR B 88 3.37 -34.88 -4.32
CA TYR B 88 3.13 -33.96 -5.42
C TYR B 88 1.65 -33.87 -5.68
N ILE B 89 1.14 -32.64 -5.79
CA ILE B 89 -0.26 -32.44 -6.16
C ILE B 89 -0.35 -31.78 -7.51
N VAL B 90 -1.05 -32.45 -8.43
CA VAL B 90 -1.11 -32.00 -9.81
C VAL B 90 -2.53 -31.55 -10.11
N THR B 91 -2.67 -30.29 -10.49
CA THR B 91 -3.97 -29.66 -10.62
C THR B 91 -4.04 -28.79 -11.87
N GLU B 92 -5.23 -28.27 -12.15
CA GLU B 92 -5.44 -27.37 -13.27
C GLU B 92 -4.56 -26.14 -13.15
N TYR B 93 -3.89 -25.78 -14.23
CA TYR B 93 -2.97 -24.65 -14.22
C TYR B 93 -3.70 -23.31 -14.28
N MET B 94 -3.25 -22.36 -13.46
CA MET B 94 -3.78 -21.01 -13.50
C MET B 94 -2.67 -20.05 -13.93
N SER B 95 -2.93 -19.31 -15.00
CA SER B 95 -1.90 -18.52 -15.67
C SER B 95 -1.34 -17.35 -14.86
N LYS B 96 -2.19 -16.68 -14.11
CA LYS B 96 -1.76 -15.47 -13.40
C LYS B 96 -1.24 -15.73 -11.98
N GLY B 97 -1.12 -17.00 -11.62
CA GLY B 97 -0.63 -17.37 -10.30
C GLY B 97 -1.58 -17.04 -9.17
N SER B 98 -1.03 -16.79 -7.99
CA SER B 98 -1.83 -16.51 -6.80
C SER B 98 -2.49 -15.15 -6.89
N LEU B 99 -3.61 -15.00 -6.19
CA LEU B 99 -4.32 -13.72 -6.10
C LEU B 99 -3.45 -12.67 -5.42
N LEU B 100 -2.70 -13.08 -4.41
CA LEU B 100 -1.76 -12.19 -3.73
C LEU B 100 -0.69 -11.69 -4.68
N ASP B 101 -0.21 -12.59 -5.55
CA ASP B 101 0.73 -12.22 -6.59
C ASP B 101 0.10 -11.21 -7.55
N PHE B 102 -1.13 -11.48 -7.94
CA PHE B 102 -1.84 -10.66 -8.91
C PHE B 102 -2.10 -9.24 -8.40
N LEU B 103 -2.55 -9.12 -7.15
CA LEU B 103 -2.84 -7.81 -6.57
C LEU B 103 -1.59 -6.96 -6.45
N LYS B 104 -0.49 -7.58 -6.04
CA LYS B 104 0.77 -6.88 -5.82
C LYS B 104 1.53 -6.69 -7.13
N GLY B 105 1.02 -7.30 -8.19
CA GLY B 105 1.69 -7.27 -9.48
C GLY B 105 1.38 -6.00 -10.26
N GLU B 106 1.83 -5.95 -11.50
CA GLU B 106 1.64 -4.78 -12.35
C GLU B 106 0.17 -4.49 -12.66
N MET B 107 -0.64 -5.53 -12.80
CA MET B 107 -2.05 -5.37 -13.13
C MET B 107 -2.88 -4.76 -12.00
N GLY B 108 -2.39 -4.89 -10.77
CA GLY B 108 -3.12 -4.41 -9.62
C GLY B 108 -3.49 -2.94 -9.65
N LYS B 109 -2.64 -2.13 -10.25
CA LYS B 109 -2.86 -0.68 -10.33
C LYS B 109 -4.08 -0.32 -11.17
N TYR B 110 -4.35 -1.13 -12.18
CA TYR B 110 -5.50 -0.93 -13.06
C TYR B 110 -6.81 -1.52 -12.51
N LEU B 111 -6.70 -2.36 -11.49
CA LEU B 111 -7.87 -2.93 -10.84
C LEU B 111 -8.67 -1.87 -10.08
N ARG B 112 -9.99 -1.93 -10.19
CA ARG B 112 -10.85 -1.02 -9.46
C ARG B 112 -11.87 -1.84 -8.70
N LEU B 113 -12.74 -1.17 -7.94
CA LEU B 113 -13.68 -1.86 -7.08
C LEU B 113 -14.58 -2.87 -7.82
N PRO B 114 -15.10 -2.53 -9.02
CA PRO B 114 -15.90 -3.54 -9.73
C PRO B 114 -15.13 -4.83 -10.03
N GLN B 115 -13.86 -4.72 -10.38
CA GLN B 115 -13.04 -5.89 -10.65
C GLN B 115 -12.84 -6.72 -9.38
N LEU B 116 -12.50 -6.05 -8.28
CA LEU B 116 -12.24 -6.71 -7.02
C LEU B 116 -13.48 -7.37 -6.43
N VAL B 117 -14.62 -6.67 -6.54
CA VAL B 117 -15.90 -7.21 -6.09
C VAL B 117 -16.30 -8.41 -6.96
N ASP B 118 -15.99 -8.33 -8.25
CA ASP B 118 -16.21 -9.46 -9.15
C ASP B 118 -15.36 -10.67 -8.76
N MET B 119 -14.09 -10.40 -8.43
CA MET B 119 -13.19 -11.45 -7.96
C MET B 119 -13.65 -12.00 -6.62
N ALA B 120 -14.12 -11.11 -5.75
CA ALA B 120 -14.67 -11.50 -4.46
C ALA B 120 -15.91 -12.37 -4.63
N ALA B 121 -16.74 -12.02 -5.60
CA ALA B 121 -17.97 -12.75 -5.88
C ALA B 121 -17.69 -14.17 -6.34
N GLN B 122 -16.69 -14.34 -7.21
CA GLN B 122 -16.30 -15.66 -7.69
C GLN B 122 -15.82 -16.56 -6.56
N ILE B 123 -15.05 -15.98 -5.64
CA ILE B 123 -14.55 -16.72 -4.49
C ILE B 123 -15.70 -17.19 -3.62
N ALA B 124 -16.66 -16.31 -3.39
CA ALA B 124 -17.82 -16.63 -2.58
C ALA B 124 -18.62 -17.76 -3.22
N SER B 125 -18.65 -17.77 -4.55
CA SER B 125 -19.38 -18.78 -5.31
C SER B 125 -18.78 -20.17 -5.12
N GLY B 126 -17.45 -20.23 -5.10
CA GLY B 126 -16.77 -21.48 -4.85
C GLY B 126 -17.01 -21.96 -3.43
N MET B 127 -16.95 -21.02 -2.49
CA MET B 127 -17.19 -21.33 -1.09
C MET B 127 -18.65 -21.71 -0.84
N ALA B 128 -19.55 -21.09 -1.60
CA ALA B 128 -20.98 -21.40 -1.52
C ALA B 128 -21.23 -22.85 -1.91
N TYR B 129 -20.50 -23.32 -2.91
CA TYR B 129 -20.53 -24.73 -3.31
C TYR B 129 -20.00 -25.60 -2.18
N VAL B 130 -18.88 -25.17 -1.60
CA VAL B 130 -18.27 -25.86 -0.47
C VAL B 130 -19.23 -25.85 0.72
N GLU B 131 -19.94 -24.75 0.88
CA GLU B 131 -20.95 -24.61 1.93
C GLU B 131 -22.09 -25.60 1.76
N ARG B 132 -22.56 -25.77 0.53
CA ARG B 132 -23.62 -26.73 0.23
C ARG B 132 -23.14 -28.17 0.42
N MET B 133 -21.87 -28.40 0.13
CA MET B 133 -21.28 -29.73 0.19
C MET B 133 -20.85 -30.15 1.59
N ASN B 134 -21.16 -29.30 2.57
CA ASN B 134 -20.80 -29.53 3.97
C ASN B 134 -19.30 -29.70 4.19
N TYR B 135 -18.52 -28.82 3.56
CA TYR B 135 -17.07 -28.91 3.61
C TYR B 135 -16.51 -27.63 4.23
N VAL B 136 -15.28 -27.71 4.76
CA VAL B 136 -14.62 -26.55 5.32
C VAL B 136 -13.25 -26.36 4.66
N HIS B 137 -12.97 -25.15 4.19
CA HIS B 137 -11.66 -24.84 3.60
C HIS B 137 -10.56 -24.81 4.66
N ARG B 138 -10.83 -24.12 5.76
CA ARG B 138 -9.97 -24.05 6.95
C ARG B 138 -8.82 -23.05 6.79
N ASP B 139 -8.58 -22.58 5.57
CA ASP B 139 -7.51 -21.63 5.32
C ASP B 139 -7.77 -20.78 4.08
N LEU B 140 -8.80 -19.94 4.14
CA LEU B 140 -9.20 -19.16 2.98
C LEU B 140 -8.53 -17.78 2.95
N ARG B 141 -7.62 -17.60 2.00
CA ARG B 141 -6.93 -16.32 1.83
C ARG B 141 -6.34 -16.16 0.44
N ALA B 142 -5.83 -14.95 0.16
CA ALA B 142 -5.33 -14.59 -1.17
C ALA B 142 -4.17 -15.45 -1.63
N ALA B 143 -3.34 -15.87 -0.69
CA ALA B 143 -2.22 -16.75 -0.99
C ALA B 143 -2.71 -18.06 -1.61
N ASN B 144 -3.87 -18.53 -1.15
CA ASN B 144 -4.44 -19.78 -1.63
C ASN B 144 -5.56 -19.60 -2.65
N ILE B 145 -5.75 -18.37 -3.12
CA ILE B 145 -6.66 -18.11 -4.25
C ILE B 145 -5.84 -18.11 -5.55
N LEU B 146 -6.38 -18.69 -6.61
CA LEU B 146 -5.68 -18.73 -7.89
C LEU B 146 -6.39 -17.95 -9.00
N VAL B 147 -5.63 -17.16 -9.74
CA VAL B 147 -6.18 -16.32 -10.80
C VAL B 147 -5.77 -16.77 -12.21
N GLY B 148 -6.71 -16.67 -13.15
CA GLY B 148 -6.49 -17.07 -14.52
C GLY B 148 -6.81 -15.94 -15.50
N GLU B 149 -6.92 -16.30 -16.78
CA GLU B 149 -7.24 -15.32 -17.82
C GLU B 149 -8.62 -14.73 -17.60
N ASN B 150 -8.78 -13.46 -17.97
CA ASN B 150 -10.06 -12.75 -17.85
C ASN B 150 -10.50 -12.56 -16.41
N LEU B 151 -9.53 -12.47 -15.51
CA LEU B 151 -9.78 -12.18 -14.10
C LEU B 151 -10.58 -13.29 -13.41
N VAL B 152 -10.47 -14.51 -13.91
CA VAL B 152 -11.18 -15.62 -13.28
C VAL B 152 -10.39 -16.07 -12.05
N CYS B 153 -11.10 -16.16 -10.92
CA CYS B 153 -10.47 -16.55 -9.67
C CYS B 153 -11.06 -17.87 -9.19
N LYS B 154 -10.19 -18.78 -8.80
CA LYS B 154 -10.64 -20.08 -8.30
C LYS B 154 -9.99 -20.38 -6.95
N VAL B 155 -10.74 -21.06 -6.11
CA VAL B 155 -10.27 -21.43 -4.78
C VAL B 155 -9.40 -22.68 -4.85
N ALA B 156 -8.29 -22.66 -4.12
CA ALA B 156 -7.32 -23.75 -4.14
C ALA B 156 -6.94 -24.21 -2.73
N ASP B 157 -6.26 -25.34 -2.66
CA ASP B 157 -5.69 -25.86 -1.42
C ASP B 157 -6.73 -26.13 -0.33
N PHE B 158 -7.91 -26.58 -0.74
CA PHE B 158 -8.93 -26.99 0.23
C PHE B 158 -8.62 -28.35 0.85
N GLY B 159 -8.76 -28.43 2.17
CA GLY B 159 -8.65 -29.69 2.89
C GLY B 159 -7.28 -30.09 3.37
N LEU B 160 -6.25 -29.33 3.01
CA LEU B 160 -4.89 -29.67 3.40
C LEU B 160 -4.47 -29.04 4.73
N ALA B 161 -5.25 -28.06 5.19
CA ALA B 161 -4.96 -27.41 6.47
C ALA B 161 -5.07 -28.41 7.60
N ARG B 162 -6.07 -29.28 7.52
CA ARG B 162 -6.32 -30.28 8.55
C ARG B 162 -5.21 -31.33 8.69
N LEU B 163 -4.64 -31.75 7.57
CA LEU B 163 -3.70 -32.87 7.54
C LEU B 163 -2.30 -32.52 8.04
N ILE B 164 -2.04 -31.24 8.29
CA ILE B 164 -0.71 -30.80 8.70
C ILE B 164 -0.31 -31.34 10.07
N GLU B 165 0.87 -31.93 10.15
CA GLU B 165 1.34 -32.58 11.37
C GLU B 165 2.26 -31.71 12.21
N ASP B 166 2.57 -30.51 11.73
CA ASP B 166 3.48 -29.61 12.45
C ASP B 166 2.89 -29.30 13.83
N ASN B 167 3.70 -29.51 14.87
CA ASN B 167 3.21 -29.41 16.25
C ASN B 167 2.73 -28.01 16.62
N GLU B 168 3.47 -26.99 16.18
CA GLU B 168 3.10 -25.60 16.44
C GLU B 168 1.81 -25.23 15.72
N TYR B 169 1.71 -25.66 14.46
CA TYR B 169 0.54 -25.37 13.63
C TYR B 169 -0.73 -25.99 14.19
N THR B 170 -0.61 -27.20 14.74
CA THR B 170 -1.74 -27.91 15.31
C THR B 170 -2.35 -27.15 16.48
N ALA B 171 -1.48 -26.45 17.22
CA ALA B 171 -1.92 -25.69 18.38
C ALA B 171 -2.36 -24.29 17.97
N ARG B 172 -2.44 -24.07 16.65
CA ARG B 172 -2.78 -22.76 16.07
C ARG B 172 -1.77 -21.71 16.51
N GLN B 173 -0.49 -22.09 16.43
CA GLN B 173 0.60 -21.25 16.91
C GLN B 173 1.82 -21.30 15.99
N GLY B 174 2.81 -20.43 16.28
CA GLY B 174 4.13 -20.58 15.73
C GLY B 174 4.50 -19.91 14.41
N ALA B 175 3.66 -19.01 13.93
CA ALA B 175 4.01 -18.11 12.83
C ALA B 175 4.05 -18.85 11.50
N LYS B 176 3.82 -20.15 11.55
CA LYS B 176 3.52 -20.92 10.35
C LYS B 176 2.01 -20.95 10.18
N PHE B 177 1.32 -20.43 11.19
CA PHE B 177 -0.13 -20.43 11.26
C PHE B 177 -0.71 -19.05 10.94
N PRO B 178 -1.73 -19.01 10.07
CA PRO B 178 -2.35 -17.74 9.64
C PRO B 178 -3.35 -17.20 10.66
N ILE B 179 -2.83 -16.74 11.80
CA ILE B 179 -3.65 -16.29 12.91
C ILE B 179 -4.53 -15.08 12.55
N LYS B 180 -4.01 -14.21 11.68
CA LYS B 180 -4.71 -12.99 11.30
C LYS B 180 -5.99 -13.29 10.50
N TRP B 181 -6.00 -14.41 9.79
CA TRP B 181 -7.18 -14.83 9.03
C TRP B 181 -8.10 -15.77 9.82
N THR B 182 -7.71 -16.11 11.05
CA THR B 182 -8.39 -17.16 11.79
C THR B 182 -9.38 -16.63 12.83
N ALA B 183 -10.61 -17.15 12.77
CA ALA B 183 -11.66 -16.78 13.70
C ALA B 183 -11.27 -17.16 15.13
N PRO B 184 -11.70 -16.36 16.12
CA PRO B 184 -11.25 -16.56 17.51
C PRO B 184 -11.61 -17.93 18.09
N GLU B 185 -12.82 -18.41 17.81
CA GLU B 185 -13.24 -19.72 18.32
C GLU B 185 -12.45 -20.84 17.67
N ALA B 186 -11.98 -20.60 16.44
CA ALA B 186 -11.19 -21.59 15.71
C ALA B 186 -9.71 -21.50 16.07
N ALA B 187 -9.31 -20.40 16.72
CA ALA B 187 -7.92 -20.22 17.12
C ALA B 187 -7.68 -20.79 18.52
N LEU B 188 -8.57 -20.42 19.44
CA LEU B 188 -8.51 -20.92 20.81
C LEU B 188 -8.80 -22.40 20.92
N TYR B 189 -9.92 -22.83 20.34
CA TYR B 189 -10.43 -24.17 20.56
C TYR B 189 -10.33 -25.05 19.32
N GLY B 190 -9.85 -24.47 18.23
CA GLY B 190 -9.66 -25.19 16.98
C GLY B 190 -10.93 -25.74 16.36
N ARG B 191 -12.03 -25.02 16.53
CA ARG B 191 -13.29 -25.43 15.94
C ARG B 191 -13.49 -24.76 14.59
N PHE B 192 -13.17 -25.49 13.53
CA PHE B 192 -13.20 -24.94 12.18
C PHE B 192 -14.50 -25.28 11.45
N THR B 193 -15.22 -24.24 11.04
CA THR B 193 -16.50 -24.42 10.37
C THR B 193 -16.54 -23.59 9.09
N ILE B 194 -17.60 -23.76 8.32
CA ILE B 194 -17.83 -22.89 7.17
C ILE B 194 -17.98 -21.46 7.66
N LYS B 195 -18.48 -21.33 8.88
CA LYS B 195 -18.60 -20.04 9.56
C LYS B 195 -17.24 -19.42 9.85
N SER B 196 -16.29 -20.26 10.25
CA SER B 196 -14.93 -19.80 10.48
C SER B 196 -14.28 -19.39 9.15
N ASP B 197 -14.70 -20.04 8.07
CA ASP B 197 -14.27 -19.67 6.73
C ASP B 197 -14.84 -18.31 6.34
N VAL B 198 -16.07 -18.04 6.78
CA VAL B 198 -16.71 -16.75 6.52
C VAL B 198 -15.89 -15.63 7.16
N TRP B 199 -15.32 -15.90 8.32
CA TRP B 199 -14.43 -14.96 8.98
C TRP B 199 -13.18 -14.72 8.12
N SER B 200 -12.62 -15.79 7.59
CA SER B 200 -11.43 -15.70 6.74
C SER B 200 -11.72 -14.93 5.47
N PHE B 201 -12.92 -15.13 4.94
CA PHE B 201 -13.37 -14.43 3.74
C PHE B 201 -13.43 -12.92 3.98
N GLY B 202 -13.86 -12.53 5.16
CA GLY B 202 -13.88 -11.12 5.52
C GLY B 202 -12.50 -10.51 5.54
N ILE B 203 -11.53 -11.27 6.05
CA ILE B 203 -10.13 -10.87 5.99
C ILE B 203 -9.63 -10.84 4.54
N LEU B 204 -10.11 -11.77 3.74
CA LEU B 204 -9.76 -11.82 2.32
C LEU B 204 -10.28 -10.59 1.60
N LEU B 205 -11.43 -10.08 2.04
CA LEU B 205 -12.01 -8.89 1.46
C LEU B 205 -11.08 -7.69 1.65
N THR B 206 -10.41 -7.67 2.81
CA THR B 206 -9.39 -6.67 3.09
C THR B 206 -8.21 -6.74 2.12
N GLU B 207 -7.75 -7.96 1.85
CA GLU B 207 -6.65 -8.16 0.91
C GLU B 207 -6.96 -7.60 -0.46
N LEU B 208 -8.20 -7.76 -0.89
CA LEU B 208 -8.64 -7.25 -2.17
C LEU B 208 -8.67 -5.72 -2.20
N THR B 209 -9.30 -5.12 -1.19
CA THR B 209 -9.50 -3.68 -1.17
C THR B 209 -8.25 -2.89 -0.78
N THR B 210 -7.22 -3.58 -0.33
CA THR B 210 -5.92 -2.94 -0.05
C THR B 210 -4.88 -3.35 -1.08
N LYS B 211 -5.32 -4.07 -2.10
CA LYS B 211 -4.45 -4.59 -3.15
C LYS B 211 -3.31 -5.44 -2.62
N GLY B 212 -3.62 -6.34 -1.68
CA GLY B 212 -2.65 -7.33 -1.23
C GLY B 212 -1.87 -7.00 0.03
N ARG B 213 -2.32 -6.00 0.78
CA ARG B 213 -1.69 -5.68 2.06
C ARG B 213 -1.98 -6.74 3.12
N VAL B 214 -0.98 -7.00 3.96
CA VAL B 214 -1.14 -7.92 5.08
C VAL B 214 -2.16 -7.33 6.07
N PRO B 215 -3.07 -8.18 6.59
CA PRO B 215 -4.10 -7.70 7.51
C PRO B 215 -3.51 -7.25 8.85
N TYR B 216 -4.22 -6.37 9.55
CA TYR B 216 -3.76 -5.80 10.81
C TYR B 216 -2.33 -5.27 10.73
N PRO B 217 -2.07 -4.33 9.81
CA PRO B 217 -0.69 -3.86 9.63
C PRO B 217 -0.12 -3.17 10.87
N GLY B 218 1.10 -3.53 11.23
CA GLY B 218 1.76 -2.96 12.40
C GLY B 218 1.59 -3.81 13.64
N MET B 219 0.50 -4.59 13.68
CA MET B 219 0.28 -5.56 14.73
C MET B 219 1.09 -6.82 14.45
N VAL B 220 1.43 -7.57 15.49
CA VAL B 220 2.22 -8.78 15.30
C VAL B 220 1.35 -9.98 15.62
N ASN B 221 1.77 -11.16 15.16
CA ASN B 221 0.95 -12.37 15.20
C ASN B 221 0.44 -12.70 16.61
N ARG B 222 1.27 -12.42 17.61
CA ARG B 222 0.88 -12.60 19.00
C ARG B 222 -0.26 -11.67 19.41
N GLU B 223 -0.14 -10.41 19.04
CA GLU B 223 -1.07 -9.36 19.45
C GLU B 223 -2.47 -9.49 18.88
N VAL B 224 -2.57 -10.03 17.67
CA VAL B 224 -3.82 -9.99 16.91
C VAL B 224 -4.98 -10.70 17.61
N LEU B 225 -4.73 -11.88 18.15
CA LEU B 225 -5.79 -12.65 18.78
C LEU B 225 -6.36 -11.90 19.98
N ASP B 226 -5.47 -11.32 20.78
CA ASP B 226 -5.88 -10.55 21.95
C ASP B 226 -6.69 -9.31 21.58
N GLN B 227 -6.27 -8.63 20.51
CA GLN B 227 -6.98 -7.44 20.03
C GLN B 227 -8.37 -7.79 19.54
N VAL B 228 -8.46 -8.87 18.76
CA VAL B 228 -9.75 -9.35 18.26
C VAL B 228 -10.66 -9.75 19.42
N GLU B 229 -10.07 -10.34 20.45
CA GLU B 229 -10.83 -10.80 21.61
C GLU B 229 -11.53 -9.65 22.31
N ARG B 230 -10.89 -8.49 22.30
CA ARG B 230 -11.45 -7.33 22.98
C ARG B 230 -12.28 -6.47 22.03
N GLY B 231 -12.54 -7.01 20.83
CA GLY B 231 -13.46 -6.36 19.92
C GLY B 231 -12.84 -5.44 18.88
N TYR B 232 -11.51 -5.46 18.75
CA TYR B 232 -10.88 -4.67 17.70
C TYR B 232 -11.17 -5.25 16.34
N ARG B 233 -11.55 -4.38 15.41
CA ARG B 233 -11.78 -4.77 14.03
C ARG B 233 -11.04 -3.82 13.10
N MET B 234 -10.62 -4.32 11.94
CA MET B 234 -9.90 -3.52 10.97
C MET B 234 -10.77 -2.39 10.44
N PRO B 235 -10.18 -1.20 10.27
CA PRO B 235 -10.94 -0.04 9.79
C PRO B 235 -11.30 -0.17 8.32
N CYS B 236 -12.18 0.71 7.84
CA CYS B 236 -12.50 0.75 6.42
C CYS B 236 -11.26 1.15 5.63
N PRO B 237 -10.89 0.33 4.63
CA PRO B 237 -9.74 0.68 3.80
C PRO B 237 -10.00 1.96 3.00
N PRO B 238 -8.94 2.65 2.57
CA PRO B 238 -9.10 3.90 1.83
C PRO B 238 -9.86 3.70 0.52
N GLU B 239 -10.75 4.65 0.23
CA GLU B 239 -11.54 4.65 -1.01
C GLU B 239 -12.49 3.45 -1.09
N CYS B 240 -12.67 2.75 0.02
CA CYS B 240 -13.59 1.62 0.07
C CYS B 240 -14.92 2.09 0.66
N PRO B 241 -16.04 1.78 -0.03
CA PRO B 241 -17.35 2.17 0.50
C PRO B 241 -17.65 1.47 1.82
N GLU B 242 -18.29 2.19 2.75
CA GLU B 242 -18.55 1.66 4.08
C GLU B 242 -19.44 0.43 4.02
N SER B 243 -20.28 0.36 3.00
CA SER B 243 -21.17 -0.78 2.79
C SER B 243 -20.39 -2.08 2.64
N LEU B 244 -19.25 -2.00 1.95
CA LEU B 244 -18.34 -3.13 1.83
C LEU B 244 -17.67 -3.45 3.16
N HIS B 245 -17.24 -2.41 3.88
CA HIS B 245 -16.60 -2.60 5.17
C HIS B 245 -17.57 -3.18 6.19
N ASP B 246 -18.84 -2.80 6.07
CA ASP B 246 -19.90 -3.34 6.91
C ASP B 246 -20.04 -4.84 6.69
N LEU B 247 -19.87 -5.26 5.44
CA LEU B 247 -19.86 -6.68 5.11
C LEU B 247 -18.71 -7.40 5.79
N MET B 248 -17.55 -6.75 5.86
CA MET B 248 -16.40 -7.32 6.53
C MET B 248 -16.69 -7.53 8.02
N CYS B 249 -17.29 -6.53 8.65
CA CYS B 249 -17.61 -6.60 10.06
C CYS B 249 -18.64 -7.68 10.37
N GLN B 250 -19.57 -7.89 9.45
CA GLN B 250 -20.58 -8.94 9.60
C GLN B 250 -19.89 -10.30 9.61
N CYS B 251 -18.87 -10.44 8.77
CA CYS B 251 -18.06 -11.65 8.73
C CYS B 251 -17.26 -11.79 10.02
N TRP B 252 -16.98 -10.66 10.66
CA TRP B 252 -16.14 -10.64 11.86
C TRP B 252 -16.90 -10.61 13.18
N ARG B 253 -18.18 -10.97 13.14
CA ARG B 253 -18.98 -11.00 14.37
C ARG B 253 -18.51 -12.13 15.29
N LYS B 254 -18.52 -11.87 16.59
CA LYS B 254 -17.97 -12.80 17.57
C LYS B 254 -18.73 -14.12 17.57
N ASP B 255 -20.05 -14.02 17.51
CA ASP B 255 -20.90 -15.20 17.44
C ASP B 255 -20.87 -15.70 16.01
N PRO B 256 -20.36 -16.92 15.80
CA PRO B 256 -20.22 -17.43 14.43
C PRO B 256 -21.57 -17.47 13.71
N GLU B 257 -22.61 -17.88 14.43
CA GLU B 257 -23.93 -18.01 13.84
C GLU B 257 -24.43 -16.67 13.29
N GLU B 258 -23.92 -15.58 13.88
CA GLU B 258 -24.32 -14.26 13.42
C GLU B 258 -23.57 -13.81 12.17
N ARG B 259 -22.58 -14.59 11.75
CA ARG B 259 -21.88 -14.33 10.50
C ARG B 259 -22.72 -14.73 9.29
N PRO B 260 -22.55 -14.03 8.16
CA PRO B 260 -23.35 -14.32 6.96
C PRO B 260 -22.99 -15.63 6.30
N THR B 261 -23.94 -16.21 5.55
CA THR B 261 -23.66 -17.38 4.74
C THR B 261 -22.97 -16.98 3.43
N PHE B 262 -22.26 -17.91 2.83
CA PHE B 262 -21.64 -17.70 1.51
C PHE B 262 -22.65 -17.48 0.38
N GLU B 263 -23.83 -18.07 0.50
CA GLU B 263 -24.88 -17.83 -0.48
C GLU B 263 -25.25 -16.35 -0.47
N TYR B 264 -25.38 -15.79 0.73
CA TYR B 264 -25.70 -14.38 0.89
C TYR B 264 -24.56 -13.52 0.36
N LEU B 265 -23.32 -13.93 0.65
CA LEU B 265 -22.15 -13.17 0.22
C LEU B 265 -22.04 -13.11 -1.29
N GLN B 266 -22.25 -14.25 -1.94
CA GLN B 266 -22.10 -14.34 -3.39
C GLN B 266 -23.12 -13.45 -4.09
N ALA B 267 -24.36 -13.51 -3.62
CA ALA B 267 -25.44 -12.68 -4.15
C ALA B 267 -25.21 -11.21 -3.88
N PHE B 268 -24.70 -10.91 -2.69
CA PHE B 268 -24.43 -9.53 -2.29
C PHE B 268 -23.38 -8.89 -3.18
N LEU B 269 -22.27 -9.61 -3.40
CA LEU B 269 -21.18 -9.11 -4.21
C LEU B 269 -21.55 -9.02 -5.68
N GLU B 270 -22.29 -10.00 -6.16
CA GLU B 270 -22.75 -10.01 -7.54
C GLU B 270 -23.69 -8.84 -7.83
N ASP B 271 -24.53 -8.51 -6.86
CA ASP B 271 -25.53 -7.46 -7.05
C ASP B 271 -25.11 -6.17 -6.38
N TYR B 272 -23.83 -6.06 -6.05
CA TYR B 272 -23.33 -4.97 -5.23
C TYR B 272 -23.52 -3.58 -5.84
N PHE B 273 -23.32 -3.46 -7.15
CA PHE B 273 -23.37 -2.17 -7.81
C PHE B 273 -24.74 -1.77 -8.35
N THR B 274 -25.72 -2.67 -8.26
CA THR B 274 -27.09 -2.29 -8.57
C THR B 274 -27.95 -2.15 -7.31
N SER B 275 -27.77 -3.09 -6.37
CA SER B 275 -28.57 -3.10 -5.15
C SER B 275 -27.98 -2.30 -3.98
N THR B 276 -26.67 -2.16 -3.93
CA THR B 276 -26.03 -1.59 -2.74
C THR B 276 -25.33 -0.27 -3.01
N GLU B 277 -24.51 -0.20 -4.05
CA GLU B 277 -23.80 1.04 -4.39
C GLU B 277 -23.95 1.44 -5.86
N PRO B 278 -25.17 1.80 -6.27
CA PRO B 278 -25.39 2.23 -7.66
C PRO B 278 -24.64 3.52 -7.99
N GLN B 279 -24.54 4.40 -7.00
CA GLN B 279 -23.87 5.69 -7.19
C GLN B 279 -22.38 5.60 -6.87
N TYR B 280 -21.72 4.60 -7.45
CA TYR B 280 -20.28 4.44 -7.26
C TYR B 280 -19.50 5.21 -8.32
N GLN B 281 -18.42 5.85 -7.90
CA GLN B 281 -17.49 6.48 -8.82
C GLN B 281 -16.07 6.00 -8.55
N PRO B 282 -15.31 5.67 -9.61
CA PRO B 282 -13.94 5.23 -9.41
C PRO B 282 -13.01 6.33 -8.89
N GLY B 283 -12.02 5.94 -8.10
CA GLY B 283 -11.04 6.86 -7.57
C GLY B 283 -9.66 6.50 -8.12
N GLU B 284 -8.61 7.09 -7.53
CA GLU B 284 -7.26 6.75 -7.93
C GLU B 284 -6.89 5.30 -7.64
N ASN B 285 -7.33 4.78 -6.50
CA ASN B 285 -7.03 3.40 -6.15
C ASN B 285 -8.19 2.44 -6.32
N LEU B 286 -9.37 2.86 -5.88
CA LEU B 286 -10.53 1.98 -5.89
C LEU B 286 -11.66 2.54 -6.73
#